data_4O4F
#
_entry.id   4O4F
#
_cell.length_a   102.229
_cell.length_b   102.229
_cell.length_c   109.493
_cell.angle_alpha   90.00
_cell.angle_beta   90.00
_cell.angle_gamma   90.00
#
_symmetry.space_group_name_H-M   'I 41 2 2'
#
loop_
_entity.id
_entity.type
_entity.pdbx_description
1 polymer 'Inositol hexakisphosphate kinase'
2 non-polymer 'MAGNESIUM ION'
3 non-polymer 'INOSITOL HEXAKISPHOSPHATE'
4 non-polymer "ADENOSINE-5'-TRIPHOSPHATE"
5 non-polymer 'PHOSPHATE ION'
6 water water
#
_entity_poly.entity_id   1
_entity_poly.type   'polypeptide(L)'
_entity_poly.pdbx_seq_one_letter_code
;GSFTQQLHPDGQYLLKPCLSHRERDFYLHIKDDKEWTGTGIIPKFYGVELHEFGFGELEFIRMENLMYKYKRPFVLDLKI
GTQTWDPETASSKMKKRLVVDSTSTTTSLGVRFSGMERNIGEEKPILYSRYLCTHEVNTRDSLKEYIKLFFNDGKKYRKE
LVPYFISQLDKMIEVMKKREYKMFSSSVLFVYDSTTTLEDKKYNCKMIDFAHNWILSEEECTVEDGFLFGLNNLKSILED
IENEFKSL
;
_entity_poly.pdbx_strand_id   A
#
# COMPACT_ATOMS: atom_id res chain seq x y z
N GLY A 1 -0.58 -9.80 -9.27
CA GLY A 1 -0.76 -11.00 -10.13
C GLY A 1 0.36 -11.28 -11.12
N SER A 2 1.35 -10.38 -11.20
CA SER A 2 2.46 -10.54 -12.16
C SER A 2 3.57 -11.46 -11.62
N PHE A 3 3.49 -11.81 -10.33
CA PHE A 3 4.44 -12.72 -9.68
C PHE A 3 3.75 -13.48 -8.52
N THR A 4 4.26 -14.66 -8.16
CA THR A 4 3.74 -15.40 -6.99
C THR A 4 3.88 -14.53 -5.73
N GLN A 5 2.74 -14.14 -5.15
CA GLN A 5 2.68 -13.04 -4.17
C GLN A 5 3.28 -13.35 -2.78
N GLN A 6 3.66 -14.61 -2.56
CA GLN A 6 4.58 -14.95 -1.47
C GLN A 6 5.28 -16.28 -1.74
N PRO A 9 8.79 -14.13 0.61
CA PRO A 9 9.11 -12.93 1.36
C PRO A 9 10.08 -13.16 2.54
N ASP A 10 11.19 -13.83 2.25
CA ASP A 10 12.39 -13.81 3.11
C ASP A 10 13.70 -13.73 2.29
N GLY A 11 13.58 -13.44 0.99
CA GLY A 11 14.71 -13.02 0.15
C GLY A 11 14.86 -11.51 0.17
N GLN A 12 16.00 -11.01 -0.27
CA GLN A 12 16.32 -9.59 -0.13
C GLN A 12 15.52 -8.64 -1.03
N TYR A 13 15.17 -9.15 -2.21
CA TYR A 13 14.59 -8.32 -3.26
C TYR A 13 13.22 -8.78 -3.73
N LEU A 14 12.52 -7.84 -4.34
CA LEU A 14 11.42 -8.15 -5.23
C LEU A 14 11.86 -7.69 -6.62
N LEU A 15 11.85 -8.62 -7.58
CA LEU A 15 12.18 -8.29 -8.96
C LEU A 15 10.88 -8.33 -9.74
N LYS A 16 10.24 -7.17 -9.86
CA LYS A 16 8.91 -7.05 -10.43
C LYS A 16 8.94 -6.73 -11.91
N PRO A 17 8.26 -7.52 -12.74
CA PRO A 17 8.25 -7.25 -14.18
C PRO A 17 7.55 -5.94 -14.53
N CYS A 18 8.07 -5.23 -15.52
CA CYS A 18 7.45 -4.03 -16.11
C CYS A 18 6.49 -4.44 -17.22
N LEU A 19 5.22 -4.51 -16.89
CA LEU A 19 4.20 -4.85 -17.89
C LEU A 19 3.67 -3.63 -18.64
N SER A 20 3.89 -2.45 -18.11
CA SER A 20 3.70 -1.19 -18.84
C SER A 20 4.76 -0.19 -18.39
N HIS A 21 4.77 1.01 -18.96
CA HIS A 21 5.78 2.03 -18.64
C HIS A 21 5.57 2.78 -17.31
N ARG A 22 4.37 2.71 -16.72
CA ARG A 22 4.04 3.68 -15.70
C ARG A 22 4.79 3.52 -14.44
N GLU A 23 4.87 2.27 -13.93
CA GLU A 23 5.55 2.06 -12.65
C GLU A 23 7.01 2.39 -12.78
N ARG A 24 7.64 1.89 -13.84
CA ARG A 24 9.07 2.19 -14.07
C ARG A 24 9.35 3.71 -14.27
N ASP A 25 8.49 4.40 -15.00
CA ASP A 25 8.64 5.86 -15.18
C ASP A 25 8.50 6.58 -13.87
N PHE A 26 7.61 6.10 -12.99
CA PHE A 26 7.45 6.74 -11.70
C PHE A 26 8.72 6.60 -10.84
N TYR A 27 9.18 5.37 -10.63
CA TYR A 27 10.40 5.13 -9.85
C TYR A 27 11.58 5.93 -10.44
N LEU A 28 11.74 5.92 -11.76
CA LEU A 28 12.81 6.71 -12.42
C LEU A 28 12.66 8.22 -12.14
N HIS A 29 11.42 8.68 -12.06
CA HIS A 29 11.16 10.11 -11.94
C HIS A 29 11.50 10.60 -10.55
N ILE A 30 11.20 9.77 -9.54
CA ILE A 30 11.42 10.16 -8.13
C ILE A 30 12.81 9.76 -7.62
N LYS A 31 13.54 8.95 -8.39
CA LYS A 31 14.88 8.47 -8.06
C LYS A 31 15.88 9.48 -7.48
N ASP A 32 15.87 10.71 -7.96
CA ASP A 32 16.82 11.73 -7.47
C ASP A 32 16.21 12.69 -6.44
N ASP A 33 14.91 12.52 -6.17
N ASP A 33 14.91 12.53 -6.19
CA ASP A 33 14.19 13.38 -5.24
CA ASP A 33 14.19 13.37 -5.22
C ASP A 33 14.29 12.82 -3.82
C ASP A 33 14.33 12.78 -3.82
N LYS A 34 15.17 13.41 -3.02
CA LYS A 34 15.38 13.01 -1.62
C LYS A 34 14.07 12.96 -0.80
N GLU A 35 13.07 13.71 -1.25
CA GLU A 35 11.74 13.74 -0.62
C GLU A 35 10.98 12.43 -0.80
N TRP A 36 11.36 11.65 -1.83
CA TRP A 36 10.79 10.33 -2.08
C TRP A 36 11.70 9.18 -1.62
N THR A 37 13.02 9.36 -1.79
CA THR A 37 14.02 8.31 -1.57
C THR A 37 14.71 8.39 -0.21
N GLY A 38 14.78 9.59 0.36
CA GLY A 38 15.38 9.78 1.69
C GLY A 38 14.33 9.79 2.78
N THR A 39 13.06 9.71 2.38
CA THR A 39 11.96 9.77 3.33
C THR A 39 11.48 8.38 3.79
N GLY A 40 11.90 7.33 3.08
CA GLY A 40 11.50 5.96 3.40
C GLY A 40 10.01 5.71 3.25
N ILE A 41 9.38 6.34 2.26
CA ILE A 41 7.95 6.16 2.06
C ILE A 41 7.62 5.21 0.90
N ILE A 42 8.60 4.87 0.07
CA ILE A 42 8.43 3.82 -0.92
C ILE A 42 9.56 2.80 -0.76
N PRO A 43 9.40 1.60 -1.33
CA PRO A 43 10.45 0.62 -1.25
C PRO A 43 11.73 1.19 -1.86
N LYS A 44 12.83 0.87 -1.22
CA LYS A 44 14.14 1.19 -1.79
C LYS A 44 14.19 0.65 -3.21
N PHE A 45 14.53 1.54 -4.15
CA PHE A 45 14.56 1.24 -5.57
C PHE A 45 16.02 1.03 -5.96
N TYR A 46 16.35 -0.18 -6.39
CA TYR A 46 17.70 -0.49 -6.85
C TYR A 46 17.94 -0.11 -8.30
N GLY A 47 16.92 -0.21 -9.14
CA GLY A 47 17.04 0.18 -10.52
C GLY A 47 16.13 -0.63 -11.41
N VAL A 48 16.01 -0.19 -12.65
CA VAL A 48 15.34 -0.95 -13.68
C VAL A 48 16.39 -1.82 -14.32
N GLU A 49 16.06 -3.08 -14.59
CA GLU A 49 17.01 -4.04 -15.14
C GLU A 49 16.35 -4.87 -16.23
N LEU A 50 17.12 -5.21 -17.24
CA LEU A 50 16.67 -6.15 -18.26
C LEU A 50 17.13 -7.56 -17.86
N HIS A 51 16.22 -8.53 -17.98
CA HIS A 51 16.53 -9.94 -17.80
C HIS A 51 15.96 -10.75 -18.96
N GLU A 52 16.68 -11.79 -19.33
CA GLU A 52 16.30 -12.58 -20.50
C GLU A 52 14.88 -13.10 -20.33
N PHE A 53 14.08 -13.03 -21.40
CA PHE A 53 12.68 -13.41 -21.33
C PHE A 53 12.19 -13.54 -22.75
N GLY A 54 11.63 -14.68 -23.08
CA GLY A 54 11.13 -14.89 -24.44
C GLY A 54 12.26 -14.91 -25.44
N PHE A 55 12.09 -14.16 -26.54
CA PHE A 55 13.13 -14.06 -27.56
C PHE A 55 14.14 -12.97 -27.25
N GLY A 56 13.89 -12.20 -26.21
CA GLY A 56 14.76 -11.07 -25.92
C GLY A 56 14.90 -10.82 -24.44
N GLU A 57 14.49 -9.62 -24.04
CA GLU A 57 14.65 -9.15 -22.68
C GLU A 57 13.34 -8.56 -22.21
N LEU A 58 13.08 -8.65 -20.92
CA LEU A 58 11.95 -7.99 -20.28
C LEU A 58 12.52 -7.05 -19.22
N GLU A 59 11.91 -5.86 -19.11
CA GLU A 59 12.31 -4.91 -18.08
C GLU A 59 11.66 -5.27 -16.74
N PHE A 60 12.43 -5.17 -15.67
CA PHE A 60 11.99 -5.41 -14.32
C PHE A 60 12.42 -4.23 -13.43
N ILE A 61 11.67 -4.03 -12.36
CA ILE A 61 12.06 -3.14 -11.27
C ILE A 61 12.62 -3.98 -10.15
N ARG A 62 13.85 -3.69 -9.73
CA ARG A 62 14.40 -4.34 -8.55
C ARG A 62 14.22 -3.43 -7.35
N MET A 63 13.50 -3.91 -6.36
CA MET A 63 13.26 -3.13 -5.15
C MET A 63 13.48 -4.02 -3.94
N GLU A 64 13.55 -3.42 -2.76
CA GLU A 64 13.64 -4.19 -1.55
C GLU A 64 12.38 -5.00 -1.29
N ASN A 65 12.58 -6.21 -0.78
CA ASN A 65 11.53 -6.98 -0.16
C ASN A 65 11.34 -6.42 1.24
N LEU A 66 10.19 -5.80 1.48
CA LEU A 66 9.90 -5.20 2.79
C LEU A 66 9.83 -6.18 3.95
N MET A 67 9.58 -7.46 3.68
CA MET A 67 9.51 -8.47 4.73
C MET A 67 10.74 -9.38 4.79
N TYR A 68 11.85 -8.93 4.23
CA TYR A 68 13.11 -9.66 4.30
C TYR A 68 13.39 -10.04 5.75
N LYS A 69 13.56 -11.34 5.99
CA LYS A 69 13.92 -11.92 7.31
C LYS A 69 12.84 -11.81 8.40
N TYR A 70 11.60 -11.55 8.01
CA TYR A 70 10.50 -11.56 8.96
C TYR A 70 10.16 -13.00 9.35
N LYS A 71 10.13 -13.26 10.67
CA LYS A 71 9.80 -14.58 11.19
C LYS A 71 8.29 -14.88 11.25
N ARG A 72 7.51 -13.97 11.81
CA ARG A 72 6.05 -14.10 11.84
C ARG A 72 5.43 -12.85 11.20
N PRO A 73 5.31 -12.82 9.87
CA PRO A 73 4.84 -11.63 9.16
C PRO A 73 3.36 -11.32 9.38
N PHE A 74 3.08 -10.05 9.64
CA PHE A 74 1.76 -9.48 9.63
C PHE A 74 1.72 -8.49 8.46
N VAL A 75 0.70 -8.61 7.63
CA VAL A 75 0.59 -7.81 6.39
C VAL A 75 -0.82 -7.27 6.22
N LEU A 76 -0.94 -5.99 5.90
CA LEU A 76 -2.23 -5.38 5.64
C LEU A 76 -2.03 -4.46 4.45
N ASP A 77 -2.83 -4.67 3.40
CA ASP A 77 -2.77 -3.83 2.21
C ASP A 77 -4.02 -2.96 2.19
N LEU A 78 -3.84 -1.65 2.14
CA LEU A 78 -4.94 -0.69 2.06
C LEU A 78 -4.83 0.07 0.74
N LYS A 79 -5.87 -0.03 -0.09
CA LYS A 79 -5.86 0.60 -1.39
C LYS A 79 -6.32 2.05 -1.21
N ILE A 80 -5.58 3.00 -1.78
CA ILE A 80 -5.78 4.44 -1.55
C ILE A 80 -6.36 5.13 -2.76
N GLY A 81 -7.33 6.02 -2.50
CA GLY A 81 -7.94 6.85 -3.51
C GLY A 81 -9.45 6.77 -3.45
N THR A 82 -10.13 7.78 -4.00
CA THR A 82 -11.59 7.77 -4.04
C THR A 82 -12.16 7.07 -5.27
N GLN A 83 -11.29 6.63 -6.17
CA GLN A 83 -11.68 5.70 -7.24
C GLN A 83 -10.47 4.82 -7.54
N THR A 84 -10.72 3.60 -8.03
CA THR A 84 -9.63 2.70 -8.37
C THR A 84 -9.48 2.42 -9.87
N TRP A 85 -10.25 3.11 -10.70
CA TRP A 85 -10.07 3.11 -12.11
C TRP A 85 -9.41 4.41 -12.53
N ASP A 86 -8.84 4.41 -13.71
CA ASP A 86 -8.17 5.60 -14.26
C ASP A 86 -8.47 5.77 -15.73
N PRO A 87 -7.87 6.79 -16.38
CA PRO A 87 -8.24 7.03 -17.78
C PRO A 87 -8.03 5.85 -18.73
N GLU A 88 -7.14 4.91 -18.38
CA GLU A 88 -6.80 3.75 -19.20
C GLU A 88 -7.51 2.46 -18.86
N THR A 89 -8.34 2.46 -17.82
CA THR A 89 -9.02 1.24 -17.41
C THR A 89 -9.88 0.70 -18.54
N ALA A 90 -9.80 -0.62 -18.75
CA ALA A 90 -10.61 -1.27 -19.78
C ALA A 90 -12.09 -1.18 -19.45
N SER A 91 -12.89 -0.93 -20.47
CA SER A 91 -14.33 -0.84 -20.28
C SER A 91 -14.97 -2.11 -19.73
N SER A 92 -14.43 -3.26 -20.07
CA SER A 92 -14.98 -4.52 -19.56
C SER A 92 -14.82 -4.65 -18.06
N LYS A 93 -13.91 -3.87 -17.46
CA LYS A 93 -13.71 -3.84 -16.00
C LYS A 93 -14.51 -2.78 -15.22
N MET A 94 -15.12 -1.84 -15.91
CA MET A 94 -15.60 -0.62 -15.29
C MET A 94 -16.84 -0.81 -14.45
N LYS A 95 -17.80 -1.63 -14.89
CA LYS A 95 -18.98 -1.86 -14.04
C LYS A 95 -18.49 -2.37 -12.68
N LYS A 96 -17.61 -3.35 -12.69
CA LYS A 96 -17.12 -3.88 -11.42
C LYS A 96 -16.36 -2.83 -10.63
N ARG A 97 -15.50 -2.04 -11.30
CA ARG A 97 -14.69 -1.05 -10.59
C ARG A 97 -15.60 -0.05 -9.89
N LEU A 98 -16.63 0.39 -10.60
CA LEU A 98 -17.55 1.38 -10.06
C LEU A 98 -18.29 0.82 -8.85
N VAL A 99 -18.76 -0.41 -8.97
CA VAL A 99 -19.52 -1.03 -7.88
C VAL A 99 -18.63 -1.24 -6.65
N VAL A 100 -17.44 -1.80 -6.85
CA VAL A 100 -16.54 -2.07 -5.73
C VAL A 100 -16.15 -0.77 -5.05
N ASP A 101 -15.84 0.28 -5.83
CA ASP A 101 -15.52 1.58 -5.25
C ASP A 101 -16.66 2.14 -4.39
N SER A 102 -17.90 2.01 -4.86
CA SER A 102 -19.05 2.60 -4.16
CA SER A 102 -19.05 2.60 -4.16
C SER A 102 -19.55 1.75 -3.00
N THR A 103 -19.29 0.44 -3.04
CA THR A 103 -19.80 -0.48 -1.99
C THR A 103 -18.75 -0.82 -0.93
N SER A 104 -17.50 -0.44 -1.20
CA SER A 104 -16.48 -0.42 -0.17
C SER A 104 -16.41 0.98 0.44
N THR A 105 -15.38 1.24 1.23
CA THR A 105 -15.15 2.60 1.76
C THR A 105 -14.38 3.54 0.83
N THR A 106 -14.13 3.11 -0.39
CA THR A 106 -13.32 3.87 -1.33
C THR A 106 -13.91 5.25 -1.65
N THR A 107 -15.17 5.31 -2.09
CA THR A 107 -15.73 6.60 -2.47
C THR A 107 -15.90 7.54 -1.24
N SER A 108 -16.19 6.97 -0.07
CA SER A 108 -16.49 7.78 1.12
C SER A 108 -15.25 8.25 1.88
N LEU A 109 -14.25 7.38 1.99
CA LEU A 109 -13.06 7.62 2.80
C LEU A 109 -11.78 7.78 1.99
N GLY A 110 -11.78 7.30 0.75
CA GLY A 110 -10.55 7.32 -0.08
C GLY A 110 -9.54 6.28 0.36
N VAL A 111 -10.01 5.31 1.13
CA VAL A 111 -9.19 4.17 1.53
C VAL A 111 -10.07 2.95 1.74
N ARG A 112 -9.57 1.78 1.35
CA ARG A 112 -10.31 0.54 1.60
C ARG A 112 -9.40 -0.64 1.95
N PHE A 113 -9.95 -1.55 2.75
CA PHE A 113 -9.32 -2.79 3.10
C PHE A 113 -9.05 -3.57 1.82
N SER A 114 -7.85 -4.09 1.69
CA SER A 114 -7.45 -4.87 0.54
C SER A 114 -6.63 -6.11 0.81
N GLY A 115 -6.90 -6.76 1.92
CA GLY A 115 -6.28 -8.03 2.27
C GLY A 115 -5.37 -7.94 3.47
N MET A 116 -5.34 -9.02 4.25
CA MET A 116 -4.51 -9.11 5.43
C MET A 116 -4.03 -10.53 5.67
N GLU A 117 -2.87 -10.64 6.30
CA GLU A 117 -2.32 -11.92 6.72
C GLU A 117 -1.80 -11.76 8.15
N ARG A 118 -2.23 -12.65 9.04
CA ARG A 118 -1.74 -12.66 10.41
C ARG A 118 -1.17 -14.03 10.73
N ASN A 119 0.06 -14.05 11.27
CA ASN A 119 0.72 -15.29 11.66
C ASN A 119 0.79 -15.36 13.20
N ILE A 120 -0.14 -16.11 13.79
CA ILE A 120 -0.30 -16.13 15.25
C ILE A 120 0.24 -17.40 15.95
N GLY A 121 1.15 -18.11 15.30
CA GLY A 121 1.83 -19.25 15.92
C GLY A 121 1.39 -20.61 15.40
N GLU A 122 0.16 -20.67 14.91
CA GLU A 122 -0.45 -21.90 14.38
C GLU A 122 -0.31 -21.99 12.87
N GLU A 123 0.64 -21.22 12.32
CA GLU A 123 0.78 -21.04 10.88
C GLU A 123 0.97 -22.41 10.21
N LYS A 124 0.50 -22.58 8.98
CA LYS A 124 0.15 -21.49 8.05
C LYS A 124 -0.80 -20.40 8.61
N PRO A 125 -0.57 -19.15 8.18
CA PRO A 125 -1.25 -18.03 8.81
C PRO A 125 -2.70 -17.83 8.40
N ILE A 126 -3.37 -16.96 9.14
CA ILE A 126 -4.75 -16.60 8.92
C ILE A 126 -4.83 -15.56 7.81
N LEU A 127 -5.57 -15.88 6.75
CA LEU A 127 -5.70 -15.02 5.59
C LEU A 127 -7.06 -14.36 5.56
N TYR A 128 -7.07 -13.05 5.26
CA TYR A 128 -8.29 -12.26 5.22
C TYR A 128 -8.43 -11.70 3.82
N SER A 129 -9.47 -12.12 3.11
CA SER A 129 -9.58 -11.84 1.69
C SER A 129 -9.77 -10.36 1.43
N ARG A 130 -9.14 -9.86 0.38
CA ARG A 130 -9.39 -8.49 -0.10
C ARG A 130 -10.86 -8.22 -0.37
N TYR A 131 -11.60 -9.28 -0.73
CA TYR A 131 -13.03 -9.12 -1.01
C TYR A 131 -13.93 -8.79 0.18
N LEU A 132 -13.40 -8.89 1.39
CA LEU A 132 -14.13 -8.51 2.58
C LEU A 132 -14.50 -7.03 2.57
N CYS A 133 -13.80 -6.22 1.75
CA CYS A 133 -14.07 -4.77 1.68
C CYS A 133 -15.50 -4.34 1.37
N THR A 134 -16.26 -5.16 0.63
CA THR A 134 -17.63 -4.78 0.32
C THR A 134 -18.67 -5.38 1.27
N HIS A 135 -18.26 -6.13 2.29
CA HIS A 135 -19.21 -6.69 3.26
C HIS A 135 -18.79 -6.42 4.70
N GLU A 136 -17.78 -7.15 5.16
CA GLU A 136 -17.35 -7.12 6.55
C GLU A 136 -16.60 -5.84 6.87
N VAL A 137 -15.92 -5.27 5.88
CA VAL A 137 -15.05 -4.10 6.13
C VAL A 137 -15.53 -2.90 5.30
N ASN A 138 -16.84 -2.72 5.21
CA ASN A 138 -17.42 -1.69 4.34
C ASN A 138 -17.85 -0.40 5.02
N THR A 139 -17.37 -0.15 6.24
CA THR A 139 -17.58 1.13 6.91
C THR A 139 -16.28 1.60 7.58
N ARG A 140 -16.23 2.88 7.93
CA ARG A 140 -15.10 3.42 8.69
C ARG A 140 -14.90 2.64 9.98
N ASP A 141 -15.99 2.37 10.69
CA ASP A 141 -15.93 1.66 11.96
C ASP A 141 -15.31 0.27 11.79
N SER A 142 -15.73 -0.48 10.77
CA SER A 142 -15.24 -1.84 10.57
C SER A 142 -13.79 -1.86 10.01
N LEU A 143 -13.47 -0.88 9.17
CA LEU A 143 -12.08 -0.72 8.72
C LEU A 143 -11.18 -0.46 9.92
N LYS A 144 -11.60 0.42 10.82
CA LYS A 144 -10.86 0.67 12.05
C LYS A 144 -10.66 -0.62 12.83
N GLU A 145 -11.73 -1.41 12.98
CA GLU A 145 -11.64 -2.69 13.68
C GLU A 145 -10.65 -3.67 13.04
N TYR A 146 -10.66 -3.77 11.71
CA TYR A 146 -9.73 -4.64 11.00
C TYR A 146 -8.27 -4.17 11.09
N ILE A 147 -8.06 -2.85 11.17
CA ILE A 147 -6.71 -2.33 11.34
C ILE A 147 -6.25 -2.64 12.77
N LYS A 148 -7.14 -2.51 13.76
CA LYS A 148 -6.79 -2.95 15.10
C LYS A 148 -6.39 -4.43 15.13
N LEU A 149 -7.09 -5.25 14.34
CA LEU A 149 -6.81 -6.68 14.28
C LEU A 149 -5.45 -6.94 13.69
N PHE A 150 -5.04 -6.11 12.71
CA PHE A 150 -3.69 -6.14 12.21
C PHE A 150 -2.66 -6.00 13.32
N PHE A 151 -2.92 -5.05 14.23
CA PHE A 151 -2.03 -4.77 15.37
C PHE A 151 -2.17 -5.78 16.54
N ASN A 152 -3.11 -6.73 16.41
CA ASN A 152 -3.26 -7.82 17.37
C ASN A 152 -2.35 -8.97 16.93
N ASP A 153 -1.28 -9.22 17.68
CA ASP A 153 -0.29 -10.23 17.28
C ASP A 153 -0.67 -11.64 17.74
N GLY A 154 -1.84 -11.77 18.34
CA GLY A 154 -2.37 -13.06 18.77
C GLY A 154 -2.29 -13.20 20.27
N LYS A 155 -1.55 -12.29 20.91
CA LYS A 155 -1.36 -12.24 22.36
C LYS A 155 -1.71 -10.85 22.91
N LYS A 156 -1.36 -9.80 22.18
CA LYS A 156 -1.66 -8.43 22.60
C LYS A 156 -1.74 -7.46 21.43
N TYR A 157 -2.31 -6.28 21.67
CA TYR A 157 -2.28 -5.18 20.71
C TYR A 157 -0.92 -4.48 20.75
N ARG A 158 -0.29 -4.36 19.59
CA ARG A 158 1.04 -3.77 19.50
C ARG A 158 0.92 -2.27 19.36
N LYS A 159 0.37 -1.67 20.40
CA LYS A 159 0.09 -0.25 20.42
C LYS A 159 1.37 0.59 20.24
N GLU A 160 2.51 0.02 20.60
CA GLU A 160 3.77 0.75 20.54
C GLU A 160 4.24 0.99 19.12
N LEU A 161 3.69 0.21 18.17
CA LEU A 161 4.03 0.35 16.76
C LEU A 161 3.22 1.43 16.04
N VAL A 162 2.06 1.79 16.57
CA VAL A 162 1.17 2.70 15.86
C VAL A 162 1.83 4.06 15.54
N PRO A 163 2.59 4.66 16.49
CA PRO A 163 3.20 5.96 16.15
C PRO A 163 4.08 5.94 14.91
N TYR A 164 4.80 4.85 14.69
CA TYR A 164 5.63 4.69 13.49
C TYR A 164 4.73 4.84 12.27
N PHE A 165 3.60 4.15 12.28
CA PHE A 165 2.74 4.11 11.11
C PHE A 165 2.16 5.49 10.83
N ILE A 166 1.78 6.21 11.87
CA ILE A 166 1.30 7.58 11.69
C ILE A 166 2.42 8.48 11.14
N SER A 167 3.63 8.33 11.67
CA SER A 167 4.79 9.09 11.19
C SER A 167 5.04 8.87 9.71
N GLN A 168 4.87 7.63 9.25
CA GLN A 168 5.00 7.29 7.82
C GLN A 168 3.90 7.97 6.99
N LEU A 169 2.67 7.92 7.46
CA LEU A 169 1.55 8.58 6.77
C LEU A 169 1.75 10.10 6.68
N ASP A 170 2.35 10.70 7.72
CA ASP A 170 2.67 12.12 7.67
C ASP A 170 3.62 12.47 6.56
N LYS A 171 4.65 11.66 6.36
CA LYS A 171 5.64 11.89 5.33
C LYS A 171 5.01 11.73 3.95
N MET A 172 4.09 10.77 3.85
CA MET A 172 3.32 10.58 2.61
C MET A 172 2.44 11.77 2.29
N ILE A 173 1.73 12.26 3.31
CA ILE A 173 0.87 13.44 3.18
C ILE A 173 1.68 14.65 2.73
N GLU A 174 2.81 14.90 3.40
CA GLU A 174 3.66 16.02 3.05
C GLU A 174 4.10 16.00 1.58
N VAL A 175 4.52 14.85 1.06
CA VAL A 175 4.92 14.78 -0.34
C VAL A 175 3.71 14.83 -1.28
N MET A 176 2.58 14.23 -0.88
CA MET A 176 1.41 14.21 -1.77
C MET A 176 0.56 15.50 -1.78
N LYS A 177 0.95 16.50 -0.99
CA LYS A 177 0.34 17.82 -1.07
C LYS A 177 0.85 18.59 -2.29
N LYS A 178 1.97 18.15 -2.84
CA LYS A 178 2.64 18.86 -3.93
C LYS A 178 1.95 18.70 -5.28
N ARG A 179 1.05 17.70 -5.39
CA ARG A 179 0.24 17.51 -6.59
C ARG A 179 1.10 17.30 -7.85
N GLU A 180 2.12 16.47 -7.75
CA GLU A 180 2.96 16.16 -8.91
C GLU A 180 2.61 14.83 -9.61
N TYR A 181 1.91 13.97 -8.88
CA TYR A 181 1.55 12.64 -9.38
C TYR A 181 0.13 12.32 -9.00
N LYS A 182 -0.56 11.56 -9.86
CA LYS A 182 -1.83 10.95 -9.51
C LYS A 182 -1.61 9.45 -9.56
N MET A 183 -2.17 8.75 -8.58
CA MET A 183 -1.93 7.34 -8.40
C MET A 183 -3.29 6.66 -8.24
N PHE A 184 -3.52 5.62 -9.03
CA PHE A 184 -4.77 4.88 -8.99
C PHE A 184 -4.49 3.41 -8.68
N SER A 185 -5.25 2.84 -7.76
N SER A 185 -5.25 2.87 -7.74
CA SER A 185 -5.11 1.44 -7.36
CA SER A 185 -5.14 1.47 -7.28
C SER A 185 -3.76 1.15 -6.69
C SER A 185 -3.77 1.15 -6.67
N SER A 186 -3.07 2.18 -6.23
CA SER A 186 -1.88 2.01 -5.41
CA SER A 186 -1.88 2.04 -5.39
C SER A 186 -2.31 1.76 -3.97
N SER A 187 -1.39 1.23 -3.17
CA SER A 187 -1.72 0.83 -1.80
C SER A 187 -0.71 1.40 -0.84
N VAL A 188 -1.12 1.51 0.43
CA VAL A 188 -0.17 1.60 1.52
C VAL A 188 -0.10 0.20 2.12
N LEU A 189 1.11 -0.37 2.17
CA LEU A 189 1.34 -1.68 2.72
C LEU A 189 1.90 -1.53 4.13
N PHE A 190 1.19 -2.10 5.09
CA PHE A 190 1.64 -2.13 6.49
C PHE A 190 2.19 -3.51 6.74
N VAL A 191 3.39 -3.60 7.31
CA VAL A 191 3.93 -4.91 7.68
C VAL A 191 4.65 -4.82 9.02
N TYR A 192 4.66 -5.91 9.75
CA TYR A 192 5.61 -6.06 10.86
C TYR A 192 5.85 -7.53 11.14
N ASP A 193 6.96 -7.80 11.80
CA ASP A 193 7.30 -9.15 12.27
C ASP A 193 6.89 -9.15 13.73
N SER A 194 6.01 -10.06 14.15
CA SER A 194 5.51 -10.03 15.53
C SER A 194 6.60 -10.37 16.54
N THR A 195 7.65 -11.05 16.08
CA THR A 195 8.81 -11.31 16.93
C THR A 195 9.72 -10.08 17.10
N THR A 196 9.41 -8.97 16.43
CA THR A 196 10.19 -7.75 16.53
C THR A 196 10.05 -7.09 17.90
N THR A 197 11.11 -6.40 18.31
CA THR A 197 11.02 -5.36 19.32
C THR A 197 11.04 -4.02 18.59
N LEU A 198 10.69 -2.94 19.27
CA LEU A 198 10.81 -1.60 18.66
C LEU A 198 12.20 -1.37 18.08
N GLU A 199 13.21 -1.78 18.83
CA GLU A 199 14.58 -1.55 18.41
C GLU A 199 14.99 -2.34 17.16
N ASP A 200 14.38 -3.49 16.95
CA ASP A 200 14.73 -4.33 15.80
C ASP A 200 14.31 -3.69 14.47
N LYS A 201 13.32 -2.80 14.54
CA LYS A 201 12.80 -2.08 13.37
C LYS A 201 12.27 -2.99 12.26
N LYS A 202 11.73 -4.15 12.65
CA LYS A 202 11.13 -5.07 11.68
C LYS A 202 9.64 -4.75 11.56
N TYR A 203 9.41 -3.54 11.08
CA TYR A 203 8.08 -3.05 10.78
C TYR A 203 8.26 -2.02 9.68
N ASN A 204 7.21 -1.84 8.88
CA ASN A 204 7.33 -0.98 7.74
C ASN A 204 5.99 -0.53 7.22
N CYS A 205 5.98 0.65 6.62
CA CYS A 205 4.80 1.25 6.06
C CYS A 205 5.21 2.05 4.82
N LYS A 206 4.81 1.55 3.65
CA LYS A 206 5.30 2.09 2.39
C LYS A 206 4.18 2.14 1.40
N MET A 207 4.21 3.18 0.57
CA MET A 207 3.36 3.18 -0.62
CA MET A 207 3.40 3.20 -0.64
C MET A 207 3.95 2.22 -1.65
N ILE A 208 3.08 1.49 -2.32
CA ILE A 208 3.45 0.49 -3.32
C ILE A 208 2.45 0.43 -4.48
N ASP A 209 2.89 -0.16 -5.58
CA ASP A 209 2.07 -0.50 -6.73
C ASP A 209 1.71 0.70 -7.59
N PHE A 210 2.62 1.05 -8.48
CA PHE A 210 2.55 2.29 -9.22
C PHE A 210 2.29 2.11 -10.71
N ALA A 211 1.66 0.99 -11.06
CA ALA A 211 1.36 0.66 -12.46
C ALA A 211 0.38 1.63 -13.08
N HIS A 212 -0.37 2.35 -12.27
CA HIS A 212 -1.31 3.31 -12.79
C HIS A 212 -1.04 4.72 -12.26
N ASN A 213 0.24 5.08 -12.26
CA ASN A 213 0.70 6.40 -11.86
C ASN A 213 0.81 7.31 -13.08
N TRP A 214 0.39 8.56 -12.89
CA TRP A 214 0.43 9.61 -13.92
C TRP A 214 1.36 10.71 -13.42
N ILE A 215 2.26 11.14 -14.30
CA ILE A 215 3.26 12.15 -13.97
C ILE A 215 2.74 13.46 -14.57
N LEU A 216 2.22 14.34 -13.70
CA LEU A 216 1.42 15.48 -14.15
C LEU A 216 2.23 16.54 -14.91
N SER A 217 3.55 16.53 -14.74
CA SER A 217 4.42 17.41 -15.53
C SER A 217 4.70 16.89 -16.95
N GLU A 218 4.22 15.68 -17.26
CA GLU A 218 4.52 15.00 -18.52
C GLU A 218 3.28 14.59 -19.31
N GLU A 219 2.12 14.57 -18.66
CA GLU A 219 0.90 14.08 -19.29
C GLU A 219 -0.33 14.62 -18.56
N GLU A 220 -1.45 14.62 -19.25
CA GLU A 220 -2.70 15.05 -18.67
C GLU A 220 -3.43 13.89 -17.97
N CYS A 221 -3.98 14.16 -16.81
CA CYS A 221 -4.85 13.21 -16.11
C CYS A 221 -5.91 14.03 -15.43
N THR A 222 -7.05 14.18 -16.09
CA THR A 222 -8.06 15.09 -15.60
C THR A 222 -8.76 14.52 -14.37
N VAL A 223 -9.10 13.24 -14.41
CA VAL A 223 -9.83 12.61 -13.30
CA VAL A 223 -9.83 12.61 -13.29
C VAL A 223 -9.03 12.67 -12.00
N GLU A 224 -9.73 12.80 -10.87
CA GLU A 224 -9.05 12.93 -9.57
C GLU A 224 -8.86 11.56 -8.94
N ASP A 225 -7.76 11.38 -8.23
CA ASP A 225 -7.49 10.13 -7.53
C ASP A 225 -7.94 10.18 -6.08
N GLY A 226 -8.12 11.36 -5.49
CA GLY A 226 -8.50 11.44 -4.09
C GLY A 226 -7.48 10.84 -3.12
N PHE A 227 -6.21 10.87 -3.53
CA PHE A 227 -5.15 10.19 -2.81
C PHE A 227 -4.88 10.85 -1.46
N LEU A 228 -4.71 12.17 -1.50
CA LEU A 228 -4.44 12.91 -0.26
C LEU A 228 -5.60 12.78 0.73
N PHE A 229 -6.83 12.87 0.23
CA PHE A 229 -8.07 12.66 1.02
C PHE A 229 -8.04 11.29 1.73
N GLY A 230 -7.65 10.25 1.00
CA GLY A 230 -7.52 8.92 1.57
C GLY A 230 -6.44 8.80 2.62
N LEU A 231 -5.29 9.41 2.36
CA LEU A 231 -4.18 9.38 3.34
C LEU A 231 -4.60 10.05 4.64
N ASN A 232 -5.25 11.21 4.49
CA ASN A 232 -5.74 11.96 5.65
C ASN A 232 -6.78 11.15 6.43
N ASN A 233 -7.69 10.47 5.74
CA ASN A 233 -8.66 9.62 6.42
C ASN A 233 -7.99 8.45 7.13
N LEU A 234 -7.02 7.83 6.47
CA LEU A 234 -6.31 6.72 7.07
C LEU A 234 -5.55 7.19 8.33
N LYS A 235 -4.87 8.33 8.22
CA LYS A 235 -4.17 8.90 9.38
C LYS A 235 -5.14 9.14 10.55
N SER A 236 -6.30 9.68 10.23
CA SER A 236 -7.37 9.92 11.21
C SER A 236 -7.79 8.62 11.92
N ILE A 237 -7.92 7.54 11.16
CA ILE A 237 -8.25 6.25 11.73
C ILE A 237 -7.13 5.74 12.66
N LEU A 238 -5.87 5.89 12.23
CA LEU A 238 -4.77 5.46 13.07
C LEU A 238 -4.75 6.28 14.36
N GLU A 239 -5.04 7.58 14.26
CA GLU A 239 -5.06 8.44 15.48
C GLU A 239 -6.18 8.02 16.43
N ASP A 240 -7.35 7.69 15.88
CA ASP A 240 -8.45 7.12 16.68
C ASP A 240 -8.01 5.82 17.36
N ILE A 241 -7.24 5.00 16.65
CA ILE A 241 -6.78 3.74 17.20
C ILE A 241 -5.82 3.99 18.36
N GLU A 242 -4.91 4.94 18.18
CA GLU A 242 -4.01 5.31 19.27
C GLU A 242 -4.82 5.68 20.48
N ASN A 243 -5.87 6.47 20.25
CA ASN A 243 -6.74 6.92 21.36
C ASN A 243 -7.42 5.71 22.01
N GLU A 244 -7.92 4.82 21.18
CA GLU A 244 -8.66 3.64 21.68
C GLU A 244 -7.77 2.65 22.43
N PHE A 245 -6.50 2.54 22.04
CA PHE A 245 -5.55 1.62 22.66
C PHE A 245 -5.05 2.08 24.04
N LYS A 246 -5.40 3.30 24.44
CA LYS A 246 -5.03 3.79 25.77
C LYS A 246 -5.95 3.22 26.85
N SER A 247 -7.16 2.80 26.47
CA SER A 247 -8.11 2.18 27.40
C SER A 247 -7.71 0.74 27.77
N LEU A 248 -6.68 0.21 27.10
CA LEU A 248 -6.16 -1.13 27.39
C LEU A 248 -5.50 -1.16 28.76
#